data_2RKL
#
_entry.id   2RKL
#
_cell.length_a   102.420
_cell.length_b   50.707
_cell.length_c   74.353
_cell.angle_alpha   90.000
_cell.angle_beta   90.000
_cell.angle_gamma   90.000
#
_symmetry.space_group_name_H-M   'P 21 21 2'
#
loop_
_entity.id
_entity.type
_entity.pdbx_description
1 polymer 'Vacuolar protein sorting-associated protein VTA1'
2 non-polymer (4S)-2-METHYL-2,4-PENTANEDIOL
3 water water
#
_entity_poly.entity_id   1
_entity_poly.type   'polypeptide(L)'
_entity_poly.pdbx_seq_one_letter_code
;GSTKDELTKIMDRASKIEQIQKLAKYAISALNYEDLPTAKDELTKALDLLNSI
;
_entity_poly.pdbx_strand_id   A,B,C,D,E,F
#
loop_
_chem_comp.id
_chem_comp.type
_chem_comp.name
_chem_comp.formula
MPD non-polymer (4S)-2-METHYL-2,4-PENTANEDIOL 'C6 H14 O2'
#
# COMPACT_ATOMS: atom_id res chain seq x y z
N GLY A 1 23.83 18.10 23.68
CA GLY A 1 22.01 18.10 24.50
C GLY A 1 21.41 19.46 23.96
N SER A 2 22.32 20.28 23.39
CA SER A 2 21.93 21.59 22.81
C SER A 2 20.98 21.43 21.61
N THR A 3 20.25 22.51 21.29
CA THR A 3 19.37 22.54 20.11
C THR A 3 20.15 22.24 18.82
N LYS A 4 21.35 22.81 18.73
CA LYS A 4 22.26 22.58 17.60
C LYS A 4 22.69 21.10 17.50
N ASP A 5 23.05 20.51 18.63
CA ASP A 5 23.50 19.11 18.66
C ASP A 5 22.37 18.12 18.38
N GLU A 6 21.18 18.42 18.90
CA GLU A 6 20.01 17.58 18.66
C GLU A 6 19.54 17.66 17.21
N LEU A 7 19.67 18.84 16.61
CA LEU A 7 19.30 19.06 15.21
C LEU A 7 20.20 18.25 14.28
N THR A 8 21.50 18.24 14.57
CA THR A 8 22.45 17.42 13.79
C THR A 8 22.19 15.93 13.98
N LYS A 9 21.85 15.53 15.21
CA LYS A 9 21.51 14.13 15.49
C LYS A 9 20.32 13.66 14.66
N ILE A 10 19.34 14.55 14.49
CA ILE A 10 18.19 14.28 13.61
C ILE A 10 18.62 14.10 12.14
N MET A 11 19.54 14.95 11.69
CA MET A 11 20.11 14.85 10.34
C MET A 11 20.87 13.54 10.19
N ASP A 12 21.63 13.18 11.22
CA ASP A 12 22.46 11.98 11.18
C ASP A 12 21.64 10.69 11.16
N ARG A 13 20.58 10.64 11.97
CA ARG A 13 19.70 9.48 12.01
C ARG A 13 18.95 9.31 10.68
N ALA A 14 18.55 10.44 10.10
CA ALA A 14 17.90 10.46 8.78
C ALA A 14 18.84 9.88 7.74
N SER A 15 20.12 10.21 7.84
CA SER A 15 21.14 9.66 6.95
C SER A 15 21.28 8.14 7.12
N LYS A 16 21.29 7.66 8.36
CA LYS A 16 21.39 6.22 8.60
C LYS A 16 20.18 5.48 8.04
N ILE A 17 18.99 6.03 8.27
CA ILE A 17 17.76 5.44 7.72
C ILE A 17 17.82 5.33 6.19
N GLU A 18 18.27 6.39 5.52
CA GLU A 18 18.48 6.39 4.06
C GLU A 18 19.41 5.25 3.65
N GLN A 19 20.49 5.05 4.41
CA GLN A 19 21.47 4.00 4.11
C GLN A 19 20.89 2.58 4.28
N ILE A 20 20.10 2.40 5.34
CA ILE A 20 19.41 1.14 5.58
C ILE A 20 18.47 0.81 4.42
N GLN A 21 17.68 1.79 3.99
CA GLN A 21 16.77 1.62 2.85
C GLN A 21 17.54 1.32 1.55
N LYS A 22 18.67 2.00 1.34
CA LYS A 22 19.52 1.75 0.18
C LYS A 22 20.01 0.29 0.16
N LEU A 23 20.49 -0.18 1.30
CA LEU A 23 21.01 -1.54 1.41
C LEU A 23 19.91 -2.54 1.14
N ALA A 24 18.71 -2.29 1.65
CA ALA A 24 17.55 -3.16 1.35
C ALA A 24 17.19 -3.20 -0.15
N LYS A 25 17.22 -2.05 -0.80
CA LYS A 25 16.97 -1.94 -2.23
C LYS A 25 18.03 -2.71 -3.01
N TYR A 26 19.28 -2.57 -2.60
CA TYR A 26 20.37 -3.28 -3.27
C TYR A 26 20.20 -4.79 -3.09
N ALA A 27 19.75 -5.21 -1.91
CA ALA A 27 19.49 -6.64 -1.67
C ALA A 27 18.38 -7.18 -2.55
N ILE A 28 17.32 -6.38 -2.72
CA ILE A 28 16.20 -6.79 -3.58
C ILE A 28 16.74 -7.02 -5.00
N SER A 29 17.55 -6.09 -5.51
CA SER A 29 18.13 -6.23 -6.85
C SER A 29 19.04 -7.46 -6.96
N ALA A 30 19.90 -7.67 -5.97
CA ALA A 30 20.82 -8.81 -6.00
C ALA A 30 20.06 -10.12 -6.07
N LEU A 31 18.92 -10.14 -5.39
CA LEU A 31 18.10 -11.32 -5.34
C LEU A 31 17.41 -11.63 -6.67
N ASN A 32 17.26 -10.63 -7.55
CA ASN A 32 16.81 -10.90 -8.93
C ASN A 32 17.78 -11.78 -9.70
N TYR A 33 19.03 -11.83 -9.24
CA TYR A 33 20.07 -12.68 -9.81
C TYR A 33 20.39 -13.88 -8.92
N GLU A 34 19.58 -14.06 -7.87
CA GLU A 34 19.80 -15.09 -6.85
C GLU A 34 21.21 -14.99 -6.30
N ASP A 35 21.68 -13.75 -6.20
CA ASP A 35 23.01 -13.45 -5.71
C ASP A 35 22.94 -13.41 -4.19
N LEU A 36 22.89 -14.60 -3.61
CA LEU A 36 22.66 -14.74 -2.18
C LEU A 36 23.77 -14.13 -1.30
N PRO A 37 25.06 -14.35 -1.67
CA PRO A 37 26.09 -13.71 -0.82
C PRO A 37 25.99 -12.19 -0.76
N THR A 38 25.74 -11.54 -1.90
CA THR A 38 25.58 -10.07 -1.90
C THR A 38 24.39 -9.67 -1.03
N ALA A 39 23.26 -10.35 -1.24
CA ALA A 39 22.04 -10.02 -0.50
C ALA A 39 22.21 -10.20 1.01
N LYS A 40 22.88 -11.30 1.42
CA LYS A 40 23.20 -11.56 2.85
C LYS A 40 24.03 -10.45 3.43
N ASP A 41 25.04 -10.01 2.70
CA ASP A 41 25.93 -8.96 3.17
C ASP A 41 25.16 -7.68 3.36
N GLU A 42 24.34 -7.33 2.37
CA GLU A 42 23.59 -6.08 2.41
C GLU A 42 22.51 -6.07 3.50
N LEU A 43 21.77 -7.17 3.66
CA LEU A 43 20.75 -7.26 4.72
C LEU A 43 21.36 -7.29 6.10
N THR A 44 22.50 -7.96 6.27
CA THR A 44 23.20 -7.97 7.55
C THR A 44 23.62 -6.55 7.89
N LYS A 45 24.21 -5.83 6.92
CA LYS A 45 24.63 -4.43 7.13
C LYS A 45 23.44 -3.53 7.46
N ALA A 46 22.33 -3.75 6.75
CA ALA A 46 21.10 -3.02 7.02
C ALA A 46 20.58 -3.22 8.44
N LEU A 47 20.52 -4.48 8.86
CA LEU A 47 20.00 -4.83 10.19
C LEU A 47 20.94 -4.35 11.31
N ASP A 48 22.25 -4.43 11.09
CA ASP A 48 23.23 -3.94 12.10
C ASP A 48 23.10 -2.44 12.30
N LEU A 49 22.96 -1.71 11.18
CA LEU A 49 22.74 -0.27 11.20
C LEU A 49 21.43 0.11 11.89
N LEU A 50 20.37 -0.62 11.56
CA LEU A 50 19.06 -0.37 12.16
C LEU A 50 19.07 -0.63 13.65
N ASN A 51 19.81 -1.64 14.07
CA ASN A 51 19.91 -1.96 15.49
C ASN A 51 20.76 -0.95 16.26
N SER A 52 21.53 -0.14 15.53
CA SER A 52 22.40 0.86 16.14
C SER A 52 21.69 2.17 16.48
N ILE A 53 20.49 2.38 15.95
CA ILE A 53 19.77 3.65 16.13
C ILE A 53 19.18 3.73 17.53
N LYS B 4 8.79 -32.82 -12.23
CA LYS B 4 7.80 -32.30 -11.23
C LYS B 4 8.51 -31.90 -9.94
N ASP B 5 9.42 -32.77 -9.48
CA ASP B 5 10.16 -32.55 -8.23
C ASP B 5 11.25 -31.50 -8.37
N GLU B 6 11.90 -31.46 -9.53
CA GLU B 6 12.89 -30.43 -9.86
C GLU B 6 12.19 -29.08 -10.02
N LEU B 7 10.93 -29.12 -10.45
CA LEU B 7 10.11 -27.92 -10.60
C LEU B 7 9.67 -27.41 -9.23
N THR B 8 9.26 -28.34 -8.37
CA THR B 8 8.93 -28.03 -6.97
C THR B 8 10.12 -27.32 -6.31
N LYS B 9 11.33 -27.77 -6.64
CA LYS B 9 12.57 -27.21 -6.08
C LYS B 9 12.87 -25.77 -6.54
N ILE B 10 12.80 -25.53 -7.84
CA ILE B 10 13.08 -24.21 -8.42
C ILE B 10 11.99 -23.19 -8.04
N MET B 11 10.74 -23.65 -7.99
CA MET B 11 9.61 -22.80 -7.61
C MET B 11 9.63 -22.47 -6.11
N ASP B 12 9.90 -23.48 -5.28
CA ASP B 12 10.05 -23.26 -3.85
C ASP B 12 11.15 -22.25 -3.56
N ARG B 13 12.28 -22.35 -4.27
CA ARG B 13 13.38 -21.39 -4.14
C ARG B 13 12.96 -19.98 -4.54
N ALA B 14 12.28 -19.89 -5.68
CA ALA B 14 11.81 -18.61 -6.23
C ALA B 14 10.84 -17.96 -5.25
N SER B 15 9.92 -18.75 -4.71
CA SER B 15 8.93 -18.26 -3.76
C SER B 15 9.59 -17.73 -2.50
N LYS B 16 10.61 -18.45 -2.01
CA LYS B 16 11.32 -18.00 -0.83
C LYS B 16 12.05 -16.67 -1.10
N ILE B 17 12.71 -16.57 -2.25
CA ILE B 17 13.42 -15.35 -2.63
C ILE B 17 12.42 -14.19 -2.73
N GLU B 18 11.27 -14.46 -3.36
CA GLU B 18 10.24 -13.44 -3.52
C GLU B 18 9.72 -12.97 -2.15
N GLN B 19 9.62 -13.88 -1.18
CA GLN B 19 9.19 -13.51 0.17
C GLN B 19 10.21 -12.60 0.83
N ILE B 20 11.49 -12.92 0.67
CA ILE B 20 12.58 -12.08 1.19
C ILE B 20 12.51 -10.68 0.57
N GLN B 21 12.34 -10.62 -0.74
CA GLN B 21 12.21 -9.33 -1.43
C GLN B 21 11.01 -8.53 -0.93
N LYS B 22 9.88 -9.22 -0.73
CA LYS B 22 8.68 -8.58 -0.22
C LYS B 22 8.92 -7.98 1.16
N LEU B 23 9.58 -8.75 2.04
CA LEU B 23 9.89 -8.27 3.38
C LEU B 23 10.81 -7.05 3.38
N ALA B 24 11.81 -7.07 2.50
CA ALA B 24 12.70 -5.92 2.33
C ALA B 24 11.90 -4.68 1.87
N LYS B 25 10.98 -4.87 0.92
CA LYS B 25 10.11 -3.79 0.44
C LYS B 25 9.23 -3.25 1.58
N TYR B 26 8.67 -4.16 2.38
CA TYR B 26 7.90 -3.76 3.54
C TYR B 26 8.73 -2.92 4.51
N ALA B 27 9.98 -3.34 4.73
CA ALA B 27 10.85 -2.64 5.68
C ALA B 27 11.21 -1.24 5.20
N ILE B 28 11.50 -1.10 3.89
CA ILE B 28 11.74 0.22 3.30
C ILE B 28 10.56 1.17 3.59
N SER B 29 9.34 0.64 3.39
CA SER B 29 8.12 1.42 3.62
C SER B 29 7.95 1.77 5.11
N ALA B 30 8.15 0.79 5.97
CA ALA B 30 8.09 1.02 7.41
C ALA B 30 9.02 2.14 7.87
N LEU B 31 10.23 2.17 7.29
CA LEU B 31 11.20 3.21 7.66
C LEU B 31 10.78 4.60 7.15
N ASN B 32 10.06 4.67 6.03
CA ASN B 32 9.47 5.94 5.59
C ASN B 32 8.57 6.55 6.68
N TYR B 33 7.89 5.68 7.42
CA TYR B 33 7.01 6.08 8.52
C TYR B 33 7.75 6.01 9.86
N GLU B 34 9.10 6.01 9.79
CA GLU B 34 10.00 5.89 10.97
C GLU B 34 9.59 4.77 11.94
N ASP B 35 8.90 3.75 11.43
CA ASP B 35 8.42 2.64 12.24
C ASP B 35 9.53 1.58 12.36
N LEU B 36 10.43 1.80 13.31
CA LEU B 36 11.61 0.94 13.46
C LEU B 36 11.32 -0.49 13.94
N PRO B 37 10.43 -0.67 14.94
CA PRO B 37 10.10 -2.05 15.33
C PRO B 37 9.61 -2.92 14.17
N THR B 38 8.69 -2.40 13.36
CA THR B 38 8.18 -3.15 12.22
C THR B 38 9.30 -3.45 11.23
N ALA B 39 10.09 -2.43 10.90
CA ALA B 39 11.22 -2.60 9.99
C ALA B 39 12.19 -3.66 10.49
N LYS B 40 12.46 -3.64 11.80
CA LYS B 40 13.34 -4.63 12.43
C LYS B 40 12.78 -6.04 12.28
N ASP B 41 11.50 -6.19 12.55
CA ASP B 41 10.86 -7.49 12.46
C ASP B 41 10.97 -8.03 11.04
N GLU B 42 10.72 -7.15 10.07
CA GLU B 42 10.69 -7.57 8.68
C GLU B 42 12.08 -7.90 8.16
N LEU B 43 13.07 -7.08 8.50
CA LEU B 43 14.45 -7.32 8.02
C LEU B 43 15.04 -8.56 8.69
N THR B 44 14.64 -8.81 9.94
CA THR B 44 15.12 -9.99 10.66
C THR B 44 14.56 -11.24 10.01
N LYS B 45 13.25 -11.25 9.75
CA LYS B 45 12.59 -12.35 9.06
C LYS B 45 13.21 -12.56 7.67
N ALA B 46 13.45 -11.47 6.94
CA ALA B 46 14.06 -11.57 5.62
C ALA B 46 15.44 -12.23 5.70
N LEU B 47 16.24 -11.79 6.66
CA LEU B 47 17.57 -12.36 6.80
C LEU B 47 17.53 -13.84 7.22
N ASP B 48 16.61 -14.18 8.11
CA ASP B 48 16.47 -15.57 8.56
C ASP B 48 16.08 -16.46 7.38
N LEU B 49 15.11 -16.00 6.58
CA LEU B 49 14.71 -16.76 5.41
C LEU B 49 15.89 -16.92 4.46
N LEU B 50 16.63 -15.83 4.23
CA LEU B 50 17.77 -15.90 3.34
C LEU B 50 18.85 -16.88 3.81
N ASN B 51 19.08 -16.89 5.13
CA ASN B 51 20.08 -17.77 5.73
C ASN B 51 19.66 -19.25 5.73
N SER B 52 18.38 -19.50 5.51
CA SER B 52 17.87 -20.89 5.44
C SER B 52 18.04 -21.52 4.07
N ILE B 53 18.43 -20.74 3.07
CA ILE B 53 18.50 -21.26 1.71
C ILE B 53 19.72 -22.16 1.52
N GLY C 1 -15.61 -18.23 -13.96
CA GLY C 1 -17.09 -18.43 -14.05
C GLY C 1 -17.63 -17.63 -15.21
N SER C 2 -18.95 -17.53 -15.30
CA SER C 2 -19.59 -16.82 -16.40
C SER C 2 -19.20 -15.35 -16.41
N THR C 3 -19.33 -14.70 -17.57
CA THR C 3 -19.09 -13.26 -17.64
C THR C 3 -19.96 -12.54 -16.61
N LYS C 4 -21.17 -13.08 -16.43
N LYS C 4 -21.25 -12.77 -16.60
CA LYS C 4 -22.13 -12.76 -15.36
CA LYS C 4 -22.13 -11.95 -15.77
C LYS C 4 -21.64 -13.00 -13.93
C LYS C 4 -21.63 -12.00 -14.33
N ASP C 5 -20.96 -14.11 -13.66
N ASP C 5 -21.48 -13.22 -13.82
CA ASP C 5 -20.41 -14.33 -12.33
CA ASP C 5 -21.07 -13.43 -12.43
C ASP C 5 -19.24 -13.37 -12.06
C ASP C 5 -19.69 -12.88 -12.10
N GLU C 6 -18.52 -13.04 -13.12
N GLU C 6 -18.71 -13.07 -12.99
CA GLU C 6 -17.47 -12.04 -12.98
CA GLU C 6 -17.36 -12.61 -12.67
C GLU C 6 -18.05 -10.64 -12.74
C GLU C 6 -17.23 -11.07 -12.69
N LEU C 7 -19.19 -10.35 -13.36
N LEU C 7 -17.95 -10.42 -13.60
CA LEU C 7 -19.87 -9.07 -13.13
CA LEU C 7 -17.89 -8.95 -13.62
C LEU C 7 -20.31 -8.95 -11.67
C LEU C 7 -18.59 -8.37 -12.41
N THR C 8 -20.75 -10.06 -11.09
N THR C 8 -19.70 -9.00 -12.02
CA THR C 8 -21.12 -10.07 -9.68
CA THR C 8 -20.42 -8.60 -10.82
C THR C 8 -19.92 -9.77 -8.78
C THR C 8 -19.52 -8.67 -9.58
N LYS C 9 -18.77 -10.33 -9.13
N LYS C 9 -18.73 -9.73 -9.46
CA LYS C 9 -17.53 -10.07 -8.41
CA LYS C 9 -17.80 -9.85 -8.33
C LYS C 9 -17.16 -8.60 -8.51
C LYS C 9 -16.79 -8.71 -8.34
N ILE C 10 -17.14 -8.06 -9.72
N ILE C 10 -16.30 -8.36 -9.52
CA ILE C 10 -16.84 -6.64 -9.93
CA ILE C 10 -15.31 -7.27 -9.61
C ILE C 10 -17.75 -5.72 -9.13
C ILE C 10 -15.97 -5.96 -9.21
N MET C 11 -19.04 -6.02 -9.14
N MET C 11 -17.25 -5.82 -9.55
CA MET C 11 -20.02 -5.16 -8.50
CA MET C 11 -18.01 -4.61 -9.22
C MET C 11 -19.84 -5.13 -7.00
C MET C 11 -18.38 -4.54 -7.73
N ASP C 12 -19.14 -6.14 -6.48
N ASP C 12 -18.42 -5.69 -7.07
CA ASP C 12 -18.95 -6.21 -5.03
CA ASP C 12 -18.87 -5.78 -5.66
C ASP C 12 -17.56 -5.89 -4.46
C ASP C 12 -17.71 -5.63 -4.70
N ARG C 13 -16.53 -5.63 -5.29
CA ARG C 13 -15.23 -5.40 -4.67
C ARG C 13 -15.15 -4.21 -3.70
N ALA C 14 -15.46 -3.01 -4.20
CA ALA C 14 -15.37 -1.81 -3.37
C ALA C 14 -16.19 -1.95 -2.09
N SER C 15 -17.37 -2.54 -2.18
CA SER C 15 -18.19 -2.79 -1.00
C SER C 15 -17.55 -3.72 0.04
N LYS C 16 -16.94 -4.80 -0.44
CA LYS C 16 -16.28 -5.73 0.47
C LYS C 16 -15.10 -5.05 1.12
N ILE C 17 -14.36 -4.29 0.33
CA ILE C 17 -13.22 -3.54 0.86
C ILE C 17 -13.64 -2.57 1.96
N GLU C 18 -14.71 -1.81 1.72
CA GLU C 18 -15.18 -0.85 2.72
C GLU C 18 -15.59 -1.55 4.03
N GLN C 19 -16.16 -2.75 3.95
CA GLN C 19 -16.54 -3.54 5.14
C GLN C 19 -15.31 -3.98 5.94
N ILE C 20 -14.27 -4.40 5.22
CA ILE C 20 -13.00 -4.75 5.83
C ILE C 20 -12.39 -3.55 6.53
N GLN C 21 -12.40 -2.38 5.88
CA GLN C 21 -11.87 -1.17 6.47
C GLN C 21 -12.67 -0.80 7.72
N LYS C 22 -13.99 -0.92 7.65
CA LYS C 22 -14.88 -0.61 8.77
C LYS C 22 -14.53 -1.50 9.99
N LEU C 23 -14.33 -2.80 9.74
CA LEU C 23 -13.95 -3.73 10.81
C LEU C 23 -12.62 -3.34 11.43
N ALA C 24 -11.63 -2.99 10.59
CA ALA C 24 -10.33 -2.55 11.10
C ALA C 24 -10.46 -1.29 11.95
N LYS C 25 -11.24 -0.31 11.50
CA LYS C 25 -11.48 0.89 12.29
C LYS C 25 -12.11 0.56 13.64
N TYR C 26 -13.11 -0.32 13.62
CA TYR C 26 -13.74 -0.71 14.86
C TYR C 26 -12.74 -1.35 15.82
N ALA C 27 -11.84 -2.19 15.28
CA ALA C 27 -10.88 -2.88 16.13
C ALA C 27 -9.89 -1.89 16.75
N ILE C 28 -9.48 -0.89 15.97
CA ILE C 28 -8.59 0.14 16.49
C ILE C 28 -9.25 0.81 17.69
N SER C 29 -10.53 1.16 17.55
CA SER C 29 -11.24 1.81 18.64
C SER C 29 -11.39 0.87 19.84
N ALA C 30 -11.74 -0.39 19.59
CA ALA C 30 -11.89 -1.35 20.70
C ALA C 30 -10.59 -1.47 21.48
N LEU C 31 -9.46 -1.40 20.77
CA LEU C 31 -8.17 -1.52 21.41
C LEU C 31 -7.85 -0.34 22.31
N ASN C 32 -8.46 0.82 22.04
CA ASN C 32 -8.28 1.97 22.96
C ASN C 32 -8.83 1.68 24.37
N TYR C 33 -9.72 0.69 24.45
CA TYR C 33 -10.31 0.22 25.71
C TYR C 33 -9.74 -1.13 26.12
N GLU C 34 -8.64 -1.56 25.45
CA GLU C 34 -8.07 -2.91 25.66
C GLU C 34 -9.12 -4.02 25.55
N ASP C 35 -10.10 -3.78 24.68
CA ASP C 35 -11.21 -4.72 24.48
C ASP C 35 -10.79 -5.78 23.47
N LEU C 36 -9.95 -6.69 23.94
CA LEU C 36 -9.27 -7.65 23.09
C LEU C 36 -10.18 -8.66 22.40
N PRO C 37 -11.16 -9.24 23.12
CA PRO C 37 -12.01 -10.22 22.46
C PRO C 37 -12.75 -9.65 21.25
N THR C 38 -13.27 -8.44 21.39
CA THR C 38 -13.99 -7.77 20.31
C THR C 38 -13.03 -7.42 19.17
N ALA C 39 -11.87 -6.86 19.49
CA ALA C 39 -10.90 -6.58 18.45
C ALA C 39 -10.48 -7.83 17.69
N LYS C 40 -10.30 -8.93 18.40
CA LYS C 40 -9.92 -10.19 17.74
C LYS C 40 -11.01 -10.64 16.77
N ASP C 41 -12.25 -10.59 17.23
CA ASP C 41 -13.37 -10.96 16.38
C ASP C 41 -13.44 -10.11 15.11
N GLU C 42 -13.26 -8.81 15.28
CA GLU C 42 -13.37 -7.88 14.17
C GLU C 42 -12.23 -8.08 13.18
N LEU C 43 -11.01 -8.24 13.67
CA LEU C 43 -9.89 -8.46 12.75
C LEU C 43 -9.99 -9.81 12.05
N THR C 44 -10.51 -10.82 12.73
CA THR C 44 -10.72 -12.14 12.13
C THR C 44 -11.75 -12.07 11.02
N LYS C 45 -12.86 -11.41 11.27
CA LYS C 45 -13.86 -11.19 10.23
C LYS C 45 -13.28 -10.42 9.05
N ALA C 46 -12.47 -9.40 9.36
CA ALA C 46 -11.84 -8.57 8.34
C ALA C 46 -10.96 -9.45 7.43
N LEU C 47 -10.14 -10.29 8.04
CA LEU C 47 -9.26 -11.15 7.26
C LEU C 47 -10.05 -12.17 6.44
N ASP C 48 -11.10 -12.73 7.03
CA ASP C 48 -11.93 -13.73 6.32
C ASP C 48 -12.59 -13.11 5.10
N LEU C 49 -13.10 -11.89 5.24
CA LEU C 49 -13.69 -11.17 4.12
C LEU C 49 -12.65 -10.83 3.05
N LEU C 50 -11.45 -10.44 3.50
CA LEU C 50 -10.36 -10.13 2.58
C LEU C 50 -9.98 -11.34 1.73
N ASN C 51 -9.95 -12.50 2.39
CA ASN C 51 -9.65 -13.77 1.72
C ASN C 51 -10.72 -14.22 0.77
N SER C 52 -11.86 -13.52 0.76
CA SER C 52 -13.02 -13.87 -0.08
C SER C 52 -12.99 -13.13 -1.40
N ILE C 53 -12.43 -11.92 -1.39
CA ILE C 53 -12.30 -11.07 -2.56
C ILE C 53 -11.54 -11.84 -3.66
N ASP D 12 4.42 -1.87 28.99
CA ASP D 12 4.80 -2.74 27.84
C ASP D 12 3.60 -3.12 26.99
N ARG D 13 2.49 -3.46 27.65
CA ARG D 13 1.27 -3.92 26.99
C ARG D 13 0.69 -2.84 26.08
N ALA D 14 0.90 -1.58 26.44
CA ALA D 14 0.43 -0.44 25.67
C ALA D 14 1.17 -0.30 24.33
N SER D 15 2.46 -0.64 24.31
CA SER D 15 3.23 -0.62 23.07
C SER D 15 2.79 -1.72 22.09
N LYS D 16 2.46 -2.89 22.62
CA LYS D 16 1.99 -4.04 21.84
C LYS D 16 0.59 -3.82 21.22
N ILE D 17 -0.33 -3.33 22.05
CA ILE D 17 -1.62 -2.89 21.56
C ILE D 17 -1.44 -1.76 20.53
N GLU D 18 -0.51 -0.84 20.77
CA GLU D 18 -0.22 0.25 19.82
C GLU D 18 0.25 -0.29 18.47
N GLN D 19 1.07 -1.34 18.50
CA GLN D 19 1.55 -1.95 17.27
C GLN D 19 0.40 -2.60 16.47
N ILE D 20 -0.51 -3.26 17.17
CA ILE D 20 -1.70 -3.87 16.54
C ILE D 20 -2.53 -2.77 15.85
N GLN D 21 -2.78 -1.68 16.58
CA GLN D 21 -3.50 -0.53 16.03
C GLN D 21 -2.83 0.05 14.78
N LYS D 22 -1.50 0.17 14.83
CA LYS D 22 -0.71 0.69 13.73
C LYS D 22 -0.85 -0.19 12.49
N LEU D 23 -0.75 -1.51 12.67
CA LEU D 23 -0.91 -2.44 11.56
C LEU D 23 -2.30 -2.39 10.95
N ALA D 24 -3.33 -2.26 11.79
CA ALA D 24 -4.68 -2.09 11.24
C ALA D 24 -4.82 -0.79 10.45
N LYS D 25 -4.20 0.28 10.94
CA LYS D 25 -4.20 1.56 10.21
C LYS D 25 -3.50 1.41 8.87
N TYR D 26 -2.36 0.73 8.87
CA TYR D 26 -1.66 0.49 7.61
C TYR D 26 -2.54 -0.29 6.63
N ALA D 27 -3.22 -1.32 7.14
CA ALA D 27 -4.11 -2.14 6.30
C ALA D 27 -5.22 -1.31 5.68
N ILE D 28 -5.80 -0.39 6.44
CA ILE D 28 -6.86 0.48 5.89
C ILE D 28 -6.33 1.27 4.70
N SER D 29 -5.12 1.81 4.85
CA SER D 29 -4.53 2.63 3.80
C SER D 29 -4.14 1.77 2.60
N ALA D 30 -3.56 0.61 2.86
CA ALA D 30 -3.23 -0.33 1.79
C ALA D 30 -4.47 -0.68 0.96
N LEU D 31 -5.61 -0.86 1.62
CA LEU D 31 -6.86 -1.17 0.93
C LEU D 31 -7.39 -0.02 0.07
N ASN D 32 -7.12 1.21 0.48
CA ASN D 32 -7.46 2.34 -0.38
C ASN D 32 -6.74 2.27 -1.72
N TYR D 33 -5.54 1.70 -1.69
CA TYR D 33 -4.70 1.55 -2.87
C TYR D 33 -4.86 0.19 -3.53
N GLU D 34 -5.88 -0.56 -3.10
CA GLU D 34 -6.21 -1.84 -3.71
C GLU D 34 -5.00 -2.79 -3.62
N ASP D 35 -4.25 -2.66 -2.52
CA ASP D 35 -3.08 -3.53 -2.30
C ASP D 35 -3.43 -4.61 -1.28
N LEU D 36 -4.13 -5.62 -1.78
CA LEU D 36 -4.69 -6.67 -0.96
C LEU D 36 -3.64 -7.57 -0.31
N PRO D 37 -2.58 -7.97 -1.07
CA PRO D 37 -1.56 -8.78 -0.42
C PRO D 37 -0.89 -8.09 0.78
N THR D 38 -0.62 -6.80 0.67
CA THR D 38 -0.01 -6.08 1.79
C THR D 38 -0.98 -5.97 2.96
N ALA D 39 -2.22 -5.60 2.69
CA ALA D 39 -3.23 -5.53 3.75
C ALA D 39 -3.40 -6.90 4.43
N LYS D 40 -3.40 -7.98 3.66
CA LYS D 40 -3.51 -9.32 4.23
C LYS D 40 -2.37 -9.60 5.21
N ASP D 41 -1.15 -9.29 4.79
CA ASP D 41 0.00 -9.49 5.69
C ASP D 41 -0.09 -8.63 6.95
N GLU D 42 -0.54 -7.40 6.79
CA GLU D 42 -0.70 -6.49 7.95
C GLU D 42 -1.79 -6.99 8.92
N LEU D 43 -2.94 -7.40 8.39
CA LEU D 43 -4.00 -7.89 9.28
C LEU D 43 -3.59 -9.20 9.96
N THR D 44 -2.87 -10.05 9.22
CA THR D 44 -2.39 -11.30 9.77
C THR D 44 -1.44 -11.07 10.93
N LYS D 45 -0.52 -10.14 10.74
CA LYS D 45 0.43 -9.82 11.80
C LYS D 45 -0.28 -9.20 13.00
N ALA D 46 -1.25 -8.35 12.73
CA ALA D 46 -2.03 -7.77 13.83
C ALA D 46 -2.67 -8.85 14.67
N LEU D 47 -3.31 -9.81 14.02
CA LEU D 47 -3.93 -10.93 14.75
C LEU D 47 -2.93 -11.77 15.50
N ASP D 48 -1.75 -11.97 14.90
CA ASP D 48 -0.70 -12.74 15.58
C ASP D 48 -0.27 -12.08 16.87
N LEU D 49 -0.07 -10.76 16.81
CA LEU D 49 0.31 -10.01 17.99
C LEU D 49 -0.81 -10.03 19.03
N LEU D 50 -2.05 -9.91 18.57
CA LEU D 50 -3.19 -9.96 19.49
C LEU D 50 -3.25 -11.27 20.27
N ASN D 51 -2.95 -12.37 19.59
CA ASN D 51 -2.95 -13.68 20.23
C ASN D 51 -1.69 -13.96 21.04
N SER D 52 -0.70 -13.08 20.92
CA SER D 52 0.51 -13.17 21.74
C SER D 52 0.29 -12.49 23.09
N ILE D 53 -0.89 -11.90 23.30
CA ILE D 53 -1.20 -11.30 24.59
C ILE D 53 -1.73 -12.37 25.57
N LYS E 9 4.43 30.50 8.84
CA LYS E 9 4.23 30.46 7.37
C LYS E 9 4.72 29.14 6.78
N ILE E 10 5.88 28.67 7.24
CA ILE E 10 6.41 27.37 6.80
C ILE E 10 5.46 26.23 7.18
N MET E 11 5.04 26.20 8.45
CA MET E 11 4.12 25.17 8.92
C MET E 11 2.76 25.27 8.23
N ASP E 12 2.34 26.51 7.97
CA ASP E 12 1.10 26.85 7.25
C ASP E 12 1.08 26.23 5.85
N ARG E 13 2.11 26.54 5.08
CA ARG E 13 2.32 25.99 3.75
C ARG E 13 2.35 24.46 3.77
N ALA E 14 2.98 23.89 4.80
CA ALA E 14 3.09 22.44 4.94
C ALA E 14 1.70 21.83 5.12
N SER E 15 0.83 22.54 5.82
CA SER E 15 -0.56 22.12 6.00
C SER E 15 -1.37 22.19 4.71
N LYS E 16 -1.10 23.21 3.90
CA LYS E 16 -1.74 23.38 2.59
C LYS E 16 -1.36 22.22 1.68
N ILE E 17 -0.08 21.85 1.71
CA ILE E 17 0.40 20.68 0.96
C ILE E 17 -0.27 19.39 1.46
N GLU E 18 -0.40 19.23 2.78
CA GLU E 18 -1.14 18.10 3.36
C GLU E 18 -2.56 18.03 2.82
N GLN E 19 -3.23 19.18 2.71
CA GLN E 19 -4.60 19.24 2.21
C GLN E 19 -4.70 18.82 0.74
N ILE E 20 -3.73 19.22 -0.07
CA ILE E 20 -3.65 18.79 -1.47
C ILE E 20 -3.47 17.28 -1.54
N GLN E 21 -2.58 16.75 -0.70
CA GLN E 21 -2.33 15.31 -0.67
C GLN E 21 -3.60 14.55 -0.24
N LYS E 22 -4.28 15.05 0.78
CA LYS E 22 -5.53 14.47 1.25
C LYS E 22 -6.59 14.45 0.15
N LEU E 23 -6.75 15.55 -0.58
CA LEU E 23 -7.70 15.65 -1.70
C LEU E 23 -7.42 14.62 -2.79
N ALA E 24 -6.15 14.45 -3.10
CA ALA E 24 -5.70 13.42 -4.04
C ALA E 24 -6.07 12.02 -3.55
N LYS E 25 -5.90 11.76 -2.25
CA LYS E 25 -6.27 10.45 -1.68
C LYS E 25 -7.77 10.23 -1.76
N TYR E 26 -8.53 11.29 -1.51
CA TYR E 26 -9.99 11.22 -1.62
C TYR E 26 -10.39 10.88 -3.05
N ALA E 27 -9.67 11.46 -4.02
CA ALA E 27 -9.97 11.20 -5.43
C ALA E 27 -9.70 9.75 -5.78
N ILE E 28 -8.58 9.23 -5.27
CA ILE E 28 -8.23 7.84 -5.55
C ILE E 28 -9.35 6.94 -5.01
N SER E 29 -9.82 7.22 -3.80
CA SER E 29 -10.92 6.45 -3.20
C SER E 29 -12.21 6.51 -4.01
N ALA E 30 -12.61 7.73 -4.42
CA ALA E 30 -13.83 7.94 -5.19
C ALA E 30 -13.76 7.10 -6.46
N LEU E 31 -12.57 7.03 -7.07
CA LEU E 31 -12.42 6.33 -8.34
C LEU E 31 -12.54 4.80 -8.20
N ASN E 32 -12.34 4.28 -6.99
CA ASN E 32 -12.62 2.85 -6.73
C ASN E 32 -14.11 2.52 -6.90
N TYR E 33 -14.96 3.55 -6.84
CA TYR E 33 -16.41 3.42 -7.08
C TYR E 33 -16.82 3.95 -8.45
N GLU E 34 -15.83 4.27 -9.30
CA GLU E 34 -16.06 4.99 -10.55
C GLU E 34 -16.92 6.22 -10.33
N ASP E 35 -16.69 6.89 -9.20
CA ASP E 35 -17.44 8.10 -8.85
C ASP E 35 -16.72 9.28 -9.48
N LEU E 36 -16.94 9.45 -10.79
CA LEU E 36 -16.21 10.46 -11.56
C LEU E 36 -16.45 11.91 -11.11
N PRO E 37 -17.72 12.29 -10.86
CA PRO E 37 -17.94 13.70 -10.45
C PRO E 37 -17.24 14.06 -9.13
N THR E 38 -17.21 13.15 -8.17
CA THR E 38 -16.50 13.42 -6.91
C THR E 38 -14.99 13.60 -7.14
N ALA E 39 -14.40 12.68 -7.87
CA ALA E 39 -12.99 12.74 -8.17
C ALA E 39 -12.64 13.98 -8.97
N LYS E 40 -13.49 14.35 -9.94
CA LYS E 40 -13.28 15.58 -10.73
C LYS E 40 -13.22 16.80 -9.82
N ASP E 41 -14.20 16.91 -8.92
CA ASP E 41 -14.25 18.04 -8.00
C ASP E 41 -13.04 18.09 -7.07
N GLU E 42 -12.66 16.92 -6.54
CA GLU E 42 -11.48 16.84 -5.66
C GLU E 42 -10.16 17.16 -6.33
N LEU E 43 -9.98 16.68 -7.55
CA LEU E 43 -8.77 16.99 -8.32
C LEU E 43 -8.73 18.46 -8.69
N THR E 44 -9.89 19.00 -9.08
CA THR E 44 -10.02 20.42 -9.39
C THR E 44 -9.64 21.27 -8.17
N LYS E 45 -10.14 20.87 -6.99
CA LYS E 45 -9.80 21.59 -5.75
C LYS E 45 -8.32 21.49 -5.36
N ALA E 46 -7.72 20.33 -5.63
CA ALA E 46 -6.32 20.11 -5.31
C ALA E 46 -5.48 21.03 -6.19
N LEU E 47 -5.85 21.13 -7.47
CA LEU E 47 -5.13 21.94 -8.46
C LEU E 47 -5.30 23.42 -8.20
N ASP E 48 -6.51 23.82 -7.82
CA ASP E 48 -6.76 25.23 -7.53
C ASP E 48 -5.93 25.65 -6.33
N LEU E 49 -5.89 24.80 -5.31
CA LEU E 49 -5.13 25.01 -4.10
C LEU E 49 -3.62 25.05 -4.35
N LEU E 50 -3.13 24.11 -5.14
CA LEU E 50 -1.72 24.06 -5.46
C LEU E 50 -1.29 25.30 -6.24
N ASN E 51 -2.20 25.82 -7.06
CA ASN E 51 -1.96 27.07 -7.79
C ASN E 51 -1.89 28.29 -6.87
N SER E 52 -2.60 28.22 -5.76
CA SER E 52 -2.75 29.35 -4.86
C SER E 52 -2.58 28.89 -3.41
N SER F 2 -19.92 -9.71 -29.47
N SER F 2 -16.50 -8.00 -33.04
CA SER F 2 -19.07 -8.58 -28.97
CA SER F 2 -17.53 -7.15 -32.36
C SER F 2 -18.90 -8.58 -27.46
C SER F 2 -17.47 -7.10 -30.84
N THR F 3 -19.15 -9.70 -26.80
N THR F 3 -17.76 -8.22 -30.19
CA THR F 3 -18.86 -9.77 -25.37
CA THR F 3 -17.68 -8.35 -28.75
C THR F 3 -17.38 -9.38 -25.17
C THR F 3 -16.30 -8.03 -28.22
N LYS F 4 -16.52 -9.92 -26.03
N LYS F 4 -15.27 -8.48 -28.93
CA LYS F 4 -15.10 -9.63 -25.98
CA LYS F 4 -13.90 -8.11 -28.56
C LYS F 4 -14.77 -8.16 -26.24
C LYS F 4 -13.78 -6.60 -28.44
N ASP F 5 -15.44 -7.55 -27.21
N ASP F 5 -14.20 -5.91 -29.48
CA ASP F 5 -15.20 -6.15 -27.49
CA ASP F 5 -14.00 -4.46 -29.56
C ASP F 5 -15.61 -5.28 -26.32
C ASP F 5 -14.79 -3.72 -28.51
N GLU F 6 -16.74 -5.61 -25.70
N GLU F 6 -15.99 -4.20 -28.20
CA GLU F 6 -17.16 -4.84 -24.53
CA GLU F 6 -16.77 -3.58 -27.13
C GLU F 6 -16.22 -5.05 -23.35
C GLU F 6 -16.16 -3.84 -25.74
N LEU F 7 -15.66 -6.25 -23.22
N LEU F 7 -15.70 -5.07 -25.51
CA LEU F 7 -14.71 -6.48 -22.15
CA LEU F 7 -14.95 -5.38 -24.30
C LEU F 7 -13.44 -5.65 -22.37
C LEU F 7 -13.70 -4.52 -24.17
N THR F 8 -13.05 -5.50 -23.62
N THR F 8 -12.96 -4.39 -25.28
CA THR F 8 -11.92 -4.67 -23.99
CA THR F 8 -11.75 -3.58 -25.29
C THR F 8 -12.18 -3.23 -23.55
C THR F 8 -12.08 -2.14 -24.88
N LYS F 9 -13.42 -2.77 -23.75
N LYS F 9 -13.24 -1.63 -25.28
CA LYS F 9 -13.77 -1.42 -23.33
CA LYS F 9 -13.61 -0.26 -24.89
C LYS F 9 -13.75 -1.28 -21.82
C LYS F 9 -13.79 -0.14 -23.38
N ILE F 10 -14.28 -2.27 -21.12
N ILE F 10 -14.43 -1.15 -22.80
CA ILE F 10 -14.26 -2.23 -19.66
CA ILE F 10 -14.65 -1.18 -21.35
C ILE F 10 -12.81 -2.16 -19.19
C ILE F 10 -13.31 -1.23 -20.61
N MET F 11 -11.95 -2.95 -19.82
N MET F 11 -12.42 -2.10 -21.09
CA MET F 11 -10.54 -2.98 -19.45
CA MET F 11 -11.09 -2.27 -20.52
C MET F 11 -9.85 -1.66 -19.80
C MET F 11 -10.28 -0.99 -20.65
N ASP F 12 -10.23 -1.01 -20.90
N ASP F 12 -10.39 -0.35 -21.81
CA ASP F 12 -9.57 0.25 -21.31
CA ASP F 12 -9.71 0.92 -22.05
C ASP F 12 -10.00 1.45 -20.43
C ASP F 12 -10.07 1.89 -20.93
N ARG F 13 -11.29 1.77 -20.42
CA ARG F 13 -11.81 2.77 -19.47
C ARG F 13 -11.28 2.47 -18.06
N ALA F 14 -11.27 1.20 -17.65
CA ALA F 14 -10.68 0.77 -16.36
C ALA F 14 -9.17 1.09 -16.25
N SER F 15 -8.44 0.86 -17.34
CA SER F 15 -7.03 1.22 -17.40
C SER F 15 -6.86 2.73 -17.25
N LYS F 16 -7.73 3.50 -17.88
CA LYS F 16 -7.66 4.97 -17.72
C LYS F 16 -7.89 5.38 -16.26
N ILE F 17 -8.87 4.77 -15.60
CA ILE F 17 -9.13 5.09 -14.19
C ILE F 17 -7.93 4.74 -13.33
N GLU F 18 -7.31 3.58 -13.55
CA GLU F 18 -6.10 3.22 -12.82
C GLU F 18 -4.95 4.22 -13.07
N GLN F 19 -4.82 4.71 -14.29
CA GLN F 19 -3.79 5.70 -14.62
C GLN F 19 -4.05 7.02 -13.89
N ILE F 20 -5.31 7.44 -13.83
CA ILE F 20 -5.68 8.63 -13.05
C ILE F 20 -5.29 8.44 -11.59
N GLN F 21 -5.62 7.28 -11.01
CA GLN F 21 -5.26 7.01 -9.62
C GLN F 21 -3.72 7.03 -9.45
N LYS F 22 -3.00 6.44 -10.40
CA LYS F 22 -1.56 6.38 -10.33
C LYS F 22 -0.96 7.78 -10.38
N LEU F 23 -1.50 8.63 -11.27
CA LEU F 23 -1.02 10.01 -11.34
C LEU F 23 -1.25 10.75 -10.02
N ALA F 24 -2.38 10.51 -9.37
CA ALA F 24 -2.66 11.12 -8.06
C ALA F 24 -1.66 10.63 -7.02
N LYS F 25 -1.36 9.32 -7.03
CA LYS F 25 -0.35 8.76 -6.12
C LYS F 25 1.01 9.39 -6.34
N TYR F 26 1.41 9.59 -7.59
CA TYR F 26 2.70 10.17 -7.91
C TYR F 26 2.74 11.60 -7.41
N ALA F 27 1.63 12.31 -7.56
CA ALA F 27 1.54 13.70 -7.11
C ALA F 27 1.72 13.78 -5.58
N ILE F 28 1.09 12.84 -4.86
CA ILE F 28 1.24 12.80 -3.41
C ILE F 28 2.72 12.63 -3.04
N SER F 29 3.40 11.70 -3.71
CA SER F 29 4.82 11.48 -3.45
C SER F 29 5.68 12.73 -3.77
N ALA F 30 5.40 13.36 -4.92
CA ALA F 30 6.12 14.56 -5.34
C ALA F 30 6.00 15.67 -4.30
N LEU F 31 4.81 15.78 -3.69
CA LEU F 31 4.54 16.81 -2.70
C LEU F 31 5.30 16.59 -1.41
N ASN F 32 5.67 15.33 -1.12
CA ASN F 32 6.57 15.03 0.01
C ASN F 32 7.94 15.68 -0.14
N TYR F 33 8.30 16.02 -1.39
CA TYR F 33 9.55 16.69 -1.68
C TYR F 33 9.30 18.15 -2.02
N GLU F 34 8.08 18.62 -1.73
CA GLU F 34 7.65 19.98 -2.09
C GLU F 34 7.87 20.25 -3.59
N ASP F 35 7.76 19.21 -4.40
CA ASP F 35 8.03 19.32 -5.84
C ASP F 35 6.75 19.75 -6.57
N LEU F 36 6.46 21.04 -6.45
CA LEU F 36 5.16 21.56 -6.89
C LEU F 36 4.95 21.45 -8.40
N PRO F 37 5.97 21.79 -9.22
CA PRO F 37 5.74 21.65 -10.66
C PRO F 37 5.39 20.24 -11.11
N THR F 38 6.08 19.23 -10.58
CA THR F 38 5.76 17.85 -10.93
C THR F 38 4.32 17.53 -10.51
N ALA F 39 3.97 17.91 -9.27
CA ALA F 39 2.66 17.53 -8.75
C ALA F 39 1.57 18.20 -9.55
N LYS F 40 1.80 19.46 -9.91
CA LYS F 40 0.85 20.20 -10.73
C LYS F 40 0.63 19.51 -12.09
N ASP F 41 1.71 19.13 -12.75
CA ASP F 41 1.62 18.44 -14.04
C ASP F 41 0.86 17.13 -13.92
N GLU F 42 1.16 16.38 -12.86
CA GLU F 42 0.49 15.10 -12.63
C GLU F 42 -1.00 15.25 -12.36
N LEU F 43 -1.37 16.24 -11.54
CA LEU F 43 -2.78 16.45 -11.25
C LEU F 43 -3.51 16.96 -12.49
N THR F 44 -2.84 17.78 -13.29
CA THR F 44 -3.42 18.28 -14.53
C THR F 44 -3.68 17.14 -15.52
N LYS F 45 -2.71 16.27 -15.69
CA LYS F 45 -2.87 15.09 -16.57
C LYS F 45 -4.00 14.21 -16.05
N ALA F 46 -4.06 14.02 -14.73
CA ALA F 46 -5.09 13.19 -14.13
C ALA F 46 -6.48 13.74 -14.45
N LEU F 47 -6.63 15.05 -14.26
CA LEU F 47 -7.91 15.71 -14.52
C LEU F 47 -8.26 15.68 -16.01
N ASP F 48 -7.27 15.86 -16.88
CA ASP F 48 -7.56 15.77 -18.33
C ASP F 48 -8.00 14.36 -18.74
N LEU F 49 -7.31 13.36 -18.24
CA LEU F 49 -7.71 11.98 -18.51
C LEU F 49 -9.11 11.68 -17.99
N LEU F 50 -9.41 12.14 -16.79
CA LEU F 50 -10.72 11.95 -16.22
C LEU F 50 -11.82 12.61 -17.06
N ASN F 51 -11.58 13.83 -17.53
CA ASN F 51 -12.53 14.55 -18.39
C ASN F 51 -12.78 13.89 -19.74
N SER F 52 -11.84 13.05 -20.19
CA SER F 52 -11.97 12.35 -21.46
C SER F 52 -12.91 11.13 -21.41
N ILE F 53 -13.17 10.62 -20.21
CA ILE F 53 -14.00 9.43 -20.04
C ILE F 53 -15.43 9.73 -20.43
C1 MPD G . 3.76 -2.67 7.44
C2 MPD G . 4.73 -2.12 6.38
O2 MPD G . 6.05 -2.57 6.78
CM MPD G . 4.44 -2.70 4.99
C3 MPD G . 4.83 -0.57 6.43
C4 MPD G . 3.65 0.21 5.90
O4 MPD G . 3.72 1.57 6.33
C5 MPD G . 3.61 0.15 4.39
#